data_4RPC
#
_entry.id   4RPC
#
_cell.length_a   61.661
_cell.length_b   45.473
_cell.length_c   82.787
_cell.angle_alpha   90.00
_cell.angle_beta   90.56
_cell.angle_gamma   90.00
#
_symmetry.space_group_name_H-M   'P 1 21 1'
#
loop_
_entity.id
_entity.type
_entity.pdbx_description
1 polymer 'putative alpha/beta hydrolase'
2 non-polymer 'TETRAETHYLENE GLYCOL'
3 non-polymer 2-AMINO-2-HYDROXYMETHYL-PROPANE-1,3-DIOL
4 water water
#
_entity_poly.entity_id   1
_entity_poly.type   'polypeptide(L)'
_entity_poly.pdbx_seq_one_letter_code
;SNA(MSE)S(MSE)KKGNCKLHR(MSE)GEPHGPKVLLIHGAGFYWQTCFARIIRDLKDRYCLLIPELEGHTAHPREY
(MSE)VSVEETAGKLGEALEELRVDKVQAIYGVSLGASVAVE(MSE)AIRGEIKV(MSE)NLLLDGGQYEG(MSE)GE
(MSE)TEQYANI(MSE)ADAFLNLLAGEHLPSPVKEN(MSE)GFAANNDVEVLQPLIYEHITREALLHALLAAYRYDLKA
KNARVDARVSVLIGGNEIYGAQFTPLLAEISRHPLDIYEFPNRGHAEVLSKEPEKISRLIREILNYC
;
_entity_poly.pdbx_strand_id   A,B
#
loop_
_chem_comp.id
_chem_comp.type
_chem_comp.name
_chem_comp.formula
PG4 non-polymer 'TETRAETHYLENE GLYCOL' 'C8 H18 O5'
TRS non-polymer 2-AMINO-2-HYDROXYMETHYL-PROPANE-1,3-DIOL 'C4 H12 N O3 1'
#
# COMPACT_ATOMS: atom_id res chain seq x y z
N LYS A 12 -15.49 8.40 14.42
CA LYS A 12 -15.01 7.16 15.17
C LYS A 12 -13.98 7.57 16.28
N LEU A 13 -14.55 7.94 17.42
CA LEU A 13 -13.84 8.45 18.59
C LEU A 13 -14.04 7.51 19.76
N HIS A 14 -12.95 6.93 20.21
CA HIS A 14 -12.97 5.93 21.27
C HIS A 14 -12.76 6.61 22.55
N ARG A 15 -13.40 6.11 23.59
CA ARG A 15 -13.38 6.80 24.89
C ARG A 15 -12.99 5.81 25.96
N MSE A 16 -11.98 6.14 26.73
CA MSE A 16 -11.50 5.31 27.82
C MSE A 16 -11.23 6.17 29.05
O MSE A 16 -11.39 7.40 29.04
CB MSE A 16 -10.24 4.53 27.47
CG MSE A 16 -9.78 4.58 26.01
SE MSE A 16 -9.75 2.80 25.20
CE MSE A 16 -9.88 1.53 26.70
N GLY A 17 -10.86 5.50 30.14
CA GLY A 17 -10.59 6.17 31.41
C GLY A 17 -11.78 6.73 32.13
N GLU A 18 -11.56 7.77 32.93
CA GLU A 18 -12.60 8.34 33.76
C GLU A 18 -13.45 9.36 32.99
N PRO A 19 -14.72 9.02 32.65
CA PRO A 19 -15.49 9.85 31.68
C PRO A 19 -15.65 11.28 32.10
N HIS A 20 -15.71 11.49 33.42
CA HIS A 20 -15.86 12.81 34.02
C HIS A 20 -14.49 13.46 34.35
N GLY A 21 -13.43 12.70 34.23
CA GLY A 21 -12.10 13.27 34.41
C GLY A 21 -11.72 14.34 33.37
N PRO A 22 -10.58 15.03 33.60
CA PRO A 22 -10.13 16.00 32.59
C PRO A 22 -9.89 15.33 31.24
N LYS A 23 -10.19 16.06 30.16
CA LYS A 23 -10.15 15.45 28.85
C LYS A 23 -8.76 15.58 28.18
N VAL A 24 -8.24 14.43 27.74
CA VAL A 24 -7.00 14.33 27.06
C VAL A 24 -7.26 13.61 25.71
N LEU A 25 -6.96 14.29 24.62
CA LEU A 25 -7.12 13.73 23.25
C LEU A 25 -5.80 13.23 22.71
N LEU A 26 -5.78 12.02 22.17
CA LEU A 26 -4.60 11.42 21.65
C LEU A 26 -4.81 11.10 20.19
N ILE A 27 -4.04 11.77 19.32
CA ILE A 27 -4.21 11.70 17.84
C ILE A 27 -3.02 11.09 17.20
N HIS A 28 -3.22 9.90 16.64
CA HIS A 28 -2.17 9.15 15.99
C HIS A 28 -1.78 9.68 14.62
N GLY A 29 -0.71 9.16 14.06
CA GLY A 29 -0.21 9.65 12.77
C GLY A 29 -0.60 8.75 11.59
N ALA A 30 -0.23 9.22 10.40
CA ALA A 30 -0.43 8.45 9.18
C ALA A 30 0.21 7.07 9.28
N GLY A 31 -0.57 6.05 8.94
CA GLY A 31 -0.12 4.67 8.97
C GLY A 31 -0.25 3.98 10.31
N PHE A 32 -0.57 4.72 11.37
CA PHE A 32 -0.58 4.16 12.74
C PHE A 32 -1.99 3.67 13.03
N TYR A 33 -2.21 3.16 14.24
CA TYR A 33 -3.51 2.67 14.63
C TYR A 33 -3.79 3.13 16.03
N TRP A 34 -5.02 3.56 16.29
CA TRP A 34 -5.40 4.13 17.56
C TRP A 34 -5.09 3.20 18.73
N GLN A 35 -5.25 1.88 18.55
CA GLN A 35 -5.26 0.94 19.65
C GLN A 35 -3.88 0.51 19.98
N THR A 36 -2.93 0.67 19.07
CA THR A 36 -1.55 0.29 19.36
C THR A 36 -0.64 1.46 19.62
N CYS A 37 -1.03 2.60 19.12
CA CYS A 37 -0.27 3.81 19.28
C CYS A 37 -0.19 4.24 20.76
N PHE A 38 -1.34 4.14 21.45
CA PHE A 38 -1.55 4.70 22.76
C PHE A 38 -1.90 3.74 23.89
N ALA A 39 -1.72 2.45 23.69
CA ALA A 39 -2.02 1.46 24.72
C ALA A 39 -1.48 1.78 26.12
N ARG A 40 -0.17 2.00 26.21
CA ARG A 40 0.47 2.23 27.49
C ARG A 40 0.06 3.55 28.06
N ILE A 41 -0.12 4.55 27.20
CA ILE A 41 -0.50 5.87 27.71
C ILE A 41 -1.88 5.80 28.35
N ILE A 42 -2.79 5.13 27.66
CA ILE A 42 -4.13 4.98 28.16
C ILE A 42 -4.07 4.26 29.50
N ARG A 43 -3.36 3.14 29.57
CA ARG A 43 -3.21 2.43 30.84
C ARG A 43 -2.67 3.29 31.96
N ASP A 44 -1.68 4.14 31.67
CA ASP A 44 -1.13 5.04 32.71
C ASP A 44 -2.09 6.17 33.15
N LEU A 45 -2.92 6.67 32.26
CA LEU A 45 -3.77 7.82 32.60
C LEU A 45 -5.24 7.45 32.89
N LYS A 46 -5.67 6.22 32.64
CA LYS A 46 -7.11 5.91 32.72
C LYS A 46 -7.69 6.02 34.12
N ASP A 47 -6.86 5.83 35.15
CA ASP A 47 -7.28 6.04 36.54
C ASP A 47 -7.94 7.43 36.74
N ARG A 48 -7.48 8.44 36.01
CA ARG A 48 -7.80 9.79 36.32
C ARG A 48 -8.37 10.60 35.12
N TYR A 49 -7.86 10.35 33.92
CA TYR A 49 -8.28 11.12 32.77
C TYR A 49 -9.31 10.47 31.89
N CYS A 50 -10.10 11.33 31.25
CA CYS A 50 -10.93 10.93 30.17
C CYS A 50 -10.10 10.95 28.87
N LEU A 51 -9.76 9.78 28.34
CA LEU A 51 -8.96 9.65 27.14
C LEU A 51 -9.90 9.54 25.98
N LEU A 52 -9.70 10.39 25.01
CA LEU A 52 -10.40 10.32 23.77
C LEU A 52 -9.45 10.08 22.61
N ILE A 53 -9.66 9.01 21.85
CA ILE A 53 -8.74 8.58 20.84
C ILE A 53 -9.42 8.40 19.49
N PRO A 54 -9.20 9.33 18.56
CA PRO A 54 -9.86 9.11 17.28
C PRO A 54 -9.15 8.09 16.38
N GLU A 55 -9.85 7.54 15.40
CA GLU A 55 -9.22 6.87 14.26
C GLU A 55 -9.14 7.85 13.11
N LEU A 56 -7.97 8.07 12.56
CA LEU A 56 -7.88 8.85 11.33
C LEU A 56 -8.63 8.08 10.24
N GLU A 57 -9.25 8.81 9.34
CA GLU A 57 -9.97 8.17 8.23
C GLU A 57 -9.18 7.08 7.57
N GLY A 58 -9.87 5.98 7.30
CA GLY A 58 -9.28 4.79 6.68
C GLY A 58 -8.34 3.93 7.52
N HIS A 59 -8.06 4.32 8.79
CA HIS A 59 -7.17 3.56 9.63
C HIS A 59 -7.92 2.55 10.53
N THR A 60 -8.49 1.58 9.85
CA THR A 60 -9.40 0.63 10.44
C THR A 60 -9.40 -0.59 9.49
N ALA A 61 -9.93 -1.69 9.96
CA ALA A 61 -9.84 -2.93 9.19
C ALA A 61 -10.71 -2.88 7.92
N HIS A 62 -11.87 -2.24 7.98
CA HIS A 62 -12.77 -2.13 6.83
C HIS A 62 -13.09 -0.68 6.49
N PRO A 63 -12.16 0.02 5.83
CA PRO A 63 -12.39 1.46 5.70
C PRO A 63 -13.53 1.78 4.72
N ARG A 64 -14.40 2.68 5.14
CA ARG A 64 -15.49 3.15 4.28
C ARG A 64 -15.14 4.54 3.76
N GLU A 65 -14.03 5.10 4.17
CA GLU A 65 -13.57 6.33 3.55
C GLU A 65 -12.11 6.61 3.83
N TYR A 66 -11.60 7.65 3.19
CA TYR A 66 -10.22 8.03 3.30
C TYR A 66 -10.17 9.50 3.63
N MSE A 67 -9.02 9.92 4.10
CA MSE A 67 -8.78 11.26 4.58
C MSE A 67 -8.80 12.22 3.41
O MSE A 67 -8.33 11.89 2.35
CB MSE A 67 -7.40 11.36 5.21
CG MSE A 67 -7.60 11.91 6.59
SE MSE A 67 -5.91 12.27 7.52
CE MSE A 67 -5.55 10.42 7.68
N VAL A 68 -9.36 13.41 3.63
CA VAL A 68 -9.41 14.48 2.64
C VAL A 68 -8.43 15.61 3.00
N SER A 69 -8.47 16.09 4.22
CA SER A 69 -7.55 17.11 4.63
C SER A 69 -7.49 17.19 6.16
N VAL A 70 -6.44 17.82 6.62
CA VAL A 70 -6.30 18.06 8.01
C VAL A 70 -7.48 18.85 8.45
N GLU A 71 -7.88 19.89 7.70
CA GLU A 71 -9.04 20.74 8.08
C GLU A 71 -10.37 19.93 8.24
N GLU A 72 -10.64 19.05 7.29
CA GLU A 72 -11.89 18.31 7.35
C GLU A 72 -11.84 17.26 8.50
N THR A 73 -10.71 16.63 8.71
CA THR A 73 -10.54 15.70 9.82
C THR A 73 -10.70 16.42 11.18
N ALA A 74 -10.08 17.58 11.31
CA ALA A 74 -10.22 18.40 12.52
C ALA A 74 -11.68 18.79 12.73
N GLY A 75 -12.34 19.27 11.68
CA GLY A 75 -13.77 19.62 11.75
C GLY A 75 -14.62 18.44 12.19
N LYS A 76 -14.47 17.32 11.53
CA LYS A 76 -15.24 16.13 11.97
C LYS A 76 -14.99 15.70 13.42
N LEU A 77 -13.76 15.85 13.88
CA LEU A 77 -13.40 15.49 15.24
C LEU A 77 -14.04 16.42 16.25
N GLY A 78 -14.09 17.70 15.88
CA GLY A 78 -14.77 18.69 16.71
C GLY A 78 -16.25 18.32 16.82
N GLU A 79 -16.83 17.79 15.77
CA GLU A 79 -18.24 17.36 15.88
C GLU A 79 -18.39 16.13 16.76
N ALA A 80 -17.38 15.27 16.80
CA ALA A 80 -17.50 14.06 17.60
C ALA A 80 -17.38 14.45 19.03
N LEU A 81 -16.55 15.44 19.31
CA LEU A 81 -16.43 15.94 20.66
C LEU A 81 -17.67 16.61 21.17
N GLU A 82 -18.27 17.39 20.31
CA GLU A 82 -19.58 17.98 20.58
C GLU A 82 -20.68 16.94 20.87
N GLU A 83 -20.69 15.83 20.14
CA GLU A 83 -21.59 14.71 20.46
C GLU A 83 -21.48 14.30 21.90
N LEU A 84 -20.26 14.28 22.45
CA LEU A 84 -20.07 13.84 23.82
C LEU A 84 -20.20 15.01 24.75
N ARG A 85 -20.65 16.15 24.22
CA ARG A 85 -20.69 17.43 24.92
C ARG A 85 -19.36 17.88 25.52
N VAL A 86 -18.27 17.44 24.91
CA VAL A 86 -16.96 17.93 25.27
C VAL A 86 -16.76 19.22 24.52
N ASP A 87 -16.66 20.33 25.24
CA ASP A 87 -16.27 21.58 24.59
C ASP A 87 -14.92 22.14 25.06
N LYS A 88 -14.25 21.45 25.98
CA LYS A 88 -12.91 21.83 26.42
C LYS A 88 -12.04 20.60 26.60
N VAL A 89 -10.82 20.64 26.11
CA VAL A 89 -9.89 19.58 26.39
C VAL A 89 -8.65 20.12 27.06
N GLN A 90 -8.13 19.37 28.00
CA GLN A 90 -7.03 19.90 28.79
C GLN A 90 -5.77 19.76 28.01
N ALA A 91 -5.66 18.68 27.20
CA ALA A 91 -4.49 18.46 26.34
C ALA A 91 -4.80 17.59 25.12
N ILE A 92 -4.22 17.96 23.99
CA ILE A 92 -4.10 17.10 22.83
C ILE A 92 -2.64 16.73 22.60
N TYR A 93 -2.36 15.42 22.57
CA TYR A 93 -1.10 14.94 22.14
C TYR A 93 -1.33 14.47 20.71
N GLY A 94 -0.48 14.90 19.80
CA GLY A 94 -0.58 14.40 18.46
C GLY A 94 0.77 14.07 17.95
N VAL A 95 0.86 12.91 17.30
CA VAL A 95 2.11 12.48 16.75
C VAL A 95 2.01 12.56 15.26
N SER A 96 3.00 13.22 14.67
CA SER A 96 3.16 13.35 13.23
C SER A 96 1.96 14.07 12.62
N LEU A 97 1.30 13.47 11.64
CA LEU A 97 0.07 14.08 11.14
C LEU A 97 -0.88 14.44 12.25
N GLY A 98 -0.90 13.65 13.32
CA GLY A 98 -1.80 13.88 14.38
C GLY A 98 -1.49 15.22 15.06
N ALA A 99 -0.25 15.70 14.97
CA ALA A 99 0.07 17.01 15.56
C ALA A 99 -0.53 18.13 14.71
N SER A 100 -0.66 17.89 13.39
CA SER A 100 -1.25 18.90 12.52
C SER A 100 -2.73 18.95 12.79
N VAL A 101 -3.35 17.81 12.98
CA VAL A 101 -4.78 17.78 13.37
C VAL A 101 -4.99 18.51 14.74
N ALA A 102 -4.09 18.30 15.68
CA ALA A 102 -4.19 18.96 16.99
C ALA A 102 -4.14 20.48 16.83
N VAL A 103 -3.16 20.99 16.06
CA VAL A 103 -3.00 22.41 15.87
C VAL A 103 -4.23 22.97 15.22
N GLU A 104 -4.69 22.30 14.18
CA GLU A 104 -5.90 22.75 13.49
C GLU A 104 -7.11 22.81 14.41
N MSE A 105 -7.21 21.85 15.31
CA MSE A 105 -8.28 21.94 16.31
C MSE A 105 -8.14 23.16 17.21
O MSE A 105 -9.12 23.76 17.57
CB MSE A 105 -8.36 20.65 17.13
CG MSE A 105 -9.13 19.69 16.21
SE MSE A 105 -9.16 18.03 17.20
CE MSE A 105 -10.75 18.64 18.21
N ALA A 106 -6.91 23.56 17.54
CA ALA A 106 -6.68 24.73 18.39
C ALA A 106 -7.03 26.02 17.71
N ILE A 107 -6.93 26.04 16.39
CA ILE A 107 -7.19 27.22 15.59
C ILE A 107 -8.67 27.41 15.26
N ARG A 108 -9.38 26.33 14.94
CA ARG A 108 -10.80 26.44 14.59
C ARG A 108 -11.62 27.07 15.71
N GLY A 109 -11.37 26.65 16.94
CA GLY A 109 -11.97 27.32 18.09
C GLY A 109 -13.37 26.85 18.46
N GLU A 110 -13.92 25.89 17.73
CA GLU A 110 -15.20 25.31 18.11
C GLU A 110 -15.03 24.84 19.57
N ILE A 111 -14.01 24.04 19.77
CA ILE A 111 -13.65 23.47 21.05
C ILE A 111 -12.37 24.08 21.63
N LYS A 112 -12.42 24.42 22.91
CA LYS A 112 -11.33 25.09 23.59
C LYS A 112 -10.23 24.11 23.99
N VAL A 113 -9.00 24.50 23.70
CA VAL A 113 -7.84 23.65 23.89
C VAL A 113 -6.82 24.33 24.82
N MSE A 114 -6.51 23.70 25.93
CA MSE A 114 -5.61 24.37 26.91
C MSE A 114 -4.18 24.11 26.58
O MSE A 114 -3.36 24.99 26.74
CB MSE A 114 -5.77 24.04 28.38
CG MSE A 114 -6.15 25.32 29.18
SE MSE A 114 -7.95 25.92 28.66
CE MSE A 114 -8.50 24.07 28.88
N ASN A 115 -3.84 22.91 26.15
CA ASN A 115 -2.45 22.54 25.92
C ASN A 115 -2.33 21.70 24.67
N LEU A 116 -1.30 21.96 23.88
CA LEU A 116 -1.01 21.14 22.71
C LEU A 116 0.31 20.52 23.00
N LEU A 117 0.41 19.19 22.83
CA LEU A 117 1.70 18.51 22.88
C LEU A 117 1.96 17.97 21.50
N LEU A 118 2.98 18.49 20.87
CA LEU A 118 3.19 18.20 19.48
C LEU A 118 4.44 17.45 19.30
N ASP A 119 4.32 16.22 18.81
CA ASP A 119 5.47 15.32 18.69
C ASP A 119 5.68 15.08 17.21
N GLY A 120 6.80 15.54 16.64
CA GLY A 120 7.15 15.28 15.24
C GLY A 120 6.20 15.84 14.18
N GLY A 121 5.71 17.03 14.45
CA GLY A 121 4.86 17.75 13.54
C GLY A 121 5.66 18.33 12.42
N GLN A 122 5.01 18.41 11.27
CA GLN A 122 5.60 18.87 10.01
C GLN A 122 4.50 19.76 9.45
N TYR A 123 4.77 21.05 9.21
CA TYR A 123 3.67 21.99 8.89
C TYR A 123 3.93 22.90 7.69
N GLU A 124 4.87 22.51 6.86
CA GLU A 124 5.36 23.37 5.79
C GLU A 124 4.30 23.65 4.69
N GLY A 125 3.78 22.57 4.13
CA GLY A 125 2.87 22.67 3.02
C GLY A 125 3.57 22.56 1.68
N MSE A 126 3.63 21.38 1.12
CA MSE A 126 4.44 21.12 -0.03
C MSE A 126 3.86 21.44 -1.37
O MSE A 126 4.52 21.19 -2.35
CB MSE A 126 4.76 19.67 -0.12
CG MSE A 126 4.84 18.94 1.16
SE MSE A 126 6.45 17.91 1.04
CE MSE A 126 7.28 19.43 1.93
N GLY A 127 2.64 21.91 -1.45
CA GLY A 127 2.08 22.27 -2.72
C GLY A 127 2.19 21.14 -3.69
N GLU A 128 2.67 21.40 -4.89
CA GLU A 128 2.65 20.33 -5.89
C GLU A 128 3.70 19.21 -5.70
N MSE A 129 4.69 19.36 -4.79
CA MSE A 129 5.56 18.21 -4.42
C MSE A 129 4.86 17.21 -3.49
O MSE A 129 5.39 16.09 -3.21
CB MSE A 129 6.81 18.64 -3.62
CG MSE A 129 7.81 19.67 -4.11
SE MSE A 129 8.80 19.12 -5.75
CE MSE A 129 8.96 17.27 -5.14
N THR A 130 3.69 17.56 -2.95
CA THR A 130 2.96 16.72 -2.00
C THR A 130 2.81 15.28 -2.52
N GLU A 131 2.43 15.12 -3.78
CA GLU A 131 2.20 13.78 -4.40
C GLU A 131 3.45 12.91 -4.38
N GLN A 132 4.56 13.48 -4.75
CA GLN A 132 5.74 12.68 -4.89
C GLN A 132 6.34 12.24 -3.54
N TYR A 133 6.30 13.13 -2.56
CA TYR A 133 6.68 12.78 -1.20
C TYR A 133 5.72 11.83 -0.59
N ALA A 134 4.42 12.04 -0.73
CA ALA A 134 3.46 11.06 -0.16
C ALA A 134 3.68 9.60 -0.65
N ASN A 135 3.92 9.47 -1.96
CA ASN A 135 4.17 8.19 -2.55
C ASN A 135 5.43 7.51 -2.06
N ILE A 136 6.50 8.28 -1.84
CA ILE A 136 7.70 7.70 -1.27
C ILE A 136 7.47 7.25 0.16
N MSE A 137 6.90 8.10 0.96
CA MSE A 137 6.74 7.79 2.33
C MSE A 137 5.75 6.64 2.49
O MSE A 137 5.93 5.79 3.35
CB MSE A 137 6.27 9.03 3.06
CG MSE A 137 7.39 10.04 3.10
SE MSE A 137 9.00 9.39 4.04
CE MSE A 137 8.01 8.55 5.53
N ALA A 138 4.69 6.60 1.66
CA ALA A 138 3.76 5.48 1.69
C ALA A 138 4.48 4.16 1.49
N ASP A 139 5.27 4.07 0.43
CA ASP A 139 6.01 2.86 0.15
C ASP A 139 6.99 2.52 1.28
N ALA A 140 7.70 3.53 1.80
CA ALA A 140 8.71 3.34 2.83
C ALA A 140 8.01 2.68 4.02
N PHE A 141 6.87 3.25 4.43
CA PHE A 141 6.20 2.77 5.64
C PHE A 141 5.69 1.33 5.51
N LEU A 142 5.15 0.98 4.35
CA LEU A 142 4.69 -0.38 4.14
C LEU A 142 5.89 -1.35 4.12
N ASN A 143 6.97 -0.93 3.47
CA ASN A 143 8.21 -1.68 3.50
C ASN A 143 8.69 -2.03 4.91
N LEU A 144 8.39 -1.18 5.88
CA LEU A 144 8.80 -1.48 7.25
C LEU A 144 8.18 -2.78 7.72
N LEU A 145 6.99 -3.09 7.21
CA LEU A 145 6.25 -4.31 7.56
C LEU A 145 6.91 -5.53 7.02
N ALA A 146 7.70 -5.37 5.97
CA ALA A 146 8.60 -6.39 5.55
C ALA A 146 9.94 -6.38 6.31
N GLY A 147 10.13 -5.47 7.24
CA GLY A 147 11.42 -5.34 7.94
C GLY A 147 12.48 -4.70 7.06
N GLU A 148 12.07 -4.03 6.01
CA GLU A 148 13.02 -3.32 5.18
C GLU A 148 13.20 -1.87 5.67
N HIS A 149 14.43 -1.37 5.60
CA HIS A 149 14.77 -0.05 6.10
C HIS A 149 14.31 1.10 5.21
N LEU A 150 14.11 2.25 5.85
CA LEU A 150 13.72 3.46 5.14
C LEU A 150 14.86 3.86 4.21
N PRO A 151 14.52 4.44 3.04
CA PRO A 151 15.52 4.91 2.08
C PRO A 151 16.29 6.10 2.62
N SER A 152 17.57 6.24 2.33
CA SER A 152 18.24 7.50 2.59
C SER A 152 17.74 8.54 1.63
N PRO A 153 17.71 9.79 2.06
CA PRO A 153 18.12 10.33 3.34
C PRO A 153 16.95 10.44 4.32
N VAL A 154 15.80 9.83 4.00
CA VAL A 154 14.70 9.86 4.92
C VAL A 154 15.13 9.16 6.20
N LYS A 155 15.79 8.02 6.11
CA LYS A 155 16.07 7.25 7.29
C LYS A 155 16.87 8.10 8.28
N GLU A 156 17.88 8.82 7.76
CA GLU A 156 18.81 9.61 8.58
C GLU A 156 18.14 10.84 9.08
N ASN A 157 17.35 11.49 8.22
CA ASN A 157 16.63 12.68 8.64
C ASN A 157 15.66 12.44 9.81
N MSE A 158 14.96 11.31 9.78
CA MSE A 158 14.05 10.96 10.86
C MSE A 158 14.80 10.46 12.10
O MSE A 158 14.19 10.25 13.13
CB MSE A 158 13.06 9.92 10.38
CG MSE A 158 12.18 10.44 9.26
SE MSE A 158 10.86 9.00 8.84
CE MSE A 158 9.50 9.54 10.11
N GLY A 159 16.12 10.24 12.02
CA GLY A 159 16.94 10.01 13.26
C GLY A 159 17.28 8.55 13.48
N PHE A 160 17.37 7.82 12.37
CA PHE A 160 17.60 6.39 12.42
C PHE A 160 18.80 5.94 11.63
N ALA A 161 19.84 6.77 11.62
CA ALA A 161 21.15 6.37 11.06
C ALA A 161 21.73 5.09 11.71
N ALA A 162 21.31 4.76 12.91
CA ALA A 162 21.74 3.49 13.53
C ALA A 162 21.01 2.27 12.94
N ASN A 163 20.14 2.48 11.98
CA ASN A 163 19.36 1.37 11.45
C ASN A 163 18.43 0.76 12.45
N ASN A 164 18.00 1.56 13.40
CA ASN A 164 16.98 1.12 14.33
C ASN A 164 15.56 1.48 13.86
N ASP A 165 15.40 1.95 12.61
CA ASP A 165 14.07 2.40 12.10
C ASP A 165 13.01 1.31 12.07
N VAL A 166 13.42 0.10 11.67
CA VAL A 166 12.53 -1.04 11.73
C VAL A 166 12.11 -1.38 13.17
N GLU A 167 13.07 -1.53 14.05
CA GLU A 167 12.74 -1.89 15.44
C GLU A 167 11.84 -0.83 16.05
N VAL A 168 12.07 0.44 15.73
CA VAL A 168 11.27 1.52 16.32
C VAL A 168 9.88 1.78 15.71
N LEU A 169 9.78 1.76 14.39
CA LEU A 169 8.58 2.18 13.68
C LEU A 169 7.67 1.02 13.32
N GLN A 170 8.25 -0.12 13.03
CA GLN A 170 7.46 -1.24 12.60
C GLN A 170 6.35 -1.58 13.58
N PRO A 171 6.61 -1.49 14.90
CA PRO A 171 5.50 -1.76 15.79
C PRO A 171 4.34 -0.74 15.74
N LEU A 172 4.57 0.48 15.19
CA LEU A 172 3.53 1.47 15.12
C LEU A 172 2.71 1.43 13.84
N ILE A 173 3.21 0.78 12.82
CA ILE A 173 2.49 0.72 11.55
C ILE A 173 1.32 -0.23 11.68
N TYR A 174 0.14 0.22 11.32
CA TYR A 174 -1.05 -0.57 11.49
C TYR A 174 -0.91 -1.75 10.56
N GLU A 175 -1.06 -2.93 11.12
CA GLU A 175 -0.73 -4.12 10.33
C GLU A 175 -1.71 -4.38 9.19
N HIS A 176 -2.91 -3.80 9.24
CA HIS A 176 -3.90 -3.97 8.16
C HIS A 176 -4.19 -2.71 7.37
N ILE A 177 -3.26 -1.76 7.44
CA ILE A 177 -3.44 -0.54 6.69
C ILE A 177 -3.36 -0.88 5.18
N THR A 178 -4.18 -0.17 4.39
CA THR A 178 -4.08 -0.25 2.96
C THR A 178 -3.30 0.90 2.44
N ARG A 179 -2.65 0.68 1.30
CA ARG A 179 -1.86 1.73 0.73
C ARG A 179 -2.71 2.98 0.41
N GLU A 180 -3.92 2.78 -0.11
CA GLU A 180 -4.72 3.98 -0.43
C GLU A 180 -4.97 4.79 0.80
N ALA A 181 -5.26 4.14 1.93
CA ALA A 181 -5.62 4.88 3.14
C ALA A 181 -4.42 5.67 3.66
N LEU A 182 -3.31 5.00 3.62
CA LEU A 182 -2.04 5.60 4.06
C LEU A 182 -1.66 6.74 3.18
N LEU A 183 -1.76 6.51 1.87
CA LEU A 183 -1.44 7.54 0.93
C LEU A 183 -2.29 8.81 1.12
N HIS A 184 -3.61 8.68 1.24
CA HIS A 184 -4.44 9.85 1.43
C HIS A 184 -4.14 10.65 2.69
N ALA A 185 -3.71 9.92 3.72
CA ALA A 185 -3.37 10.52 5.00
C ALA A 185 -2.11 11.32 4.81
N LEU A 186 -1.17 10.75 4.08
CA LEU A 186 0.09 11.43 3.77
C LEU A 186 -0.05 12.63 2.84
N LEU A 187 -0.98 12.53 1.89
CA LEU A 187 -1.23 13.68 1.04
C LEU A 187 -1.74 14.84 1.92
N ALA A 188 -2.65 14.51 2.83
CA ALA A 188 -3.22 15.48 3.77
C ALA A 188 -2.12 16.04 4.61
N ALA A 189 -1.32 15.17 5.20
CA ALA A 189 -0.17 15.63 5.99
C ALA A 189 0.73 16.62 5.25
N TYR A 190 1.19 16.26 4.05
CA TYR A 190 2.09 17.07 3.28
C TYR A 190 1.48 18.32 2.66
N ARG A 191 0.18 18.34 2.41
CA ARG A 191 -0.52 19.51 1.89
C ARG A 191 -0.73 20.61 2.93
N TYR A 192 -0.94 20.22 4.20
CA TYR A 192 -1.29 21.22 5.25
C TYR A 192 -0.30 22.37 5.28
N ASP A 193 -0.79 23.57 5.16
CA ASP A 193 0.08 24.73 5.21
C ASP A 193 -0.33 25.65 6.36
N LEU A 194 0.38 25.55 7.48
CA LEU A 194 0.02 26.28 8.69
C LEU A 194 0.37 27.78 8.62
N LYS A 195 1.52 28.12 8.04
CA LYS A 195 1.92 29.51 7.92
C LYS A 195 0.86 30.34 7.24
N ALA A 196 0.26 29.77 6.19
CA ALA A 196 -0.70 30.47 5.33
C ALA A 196 -1.96 30.87 6.06
N LYS A 197 -2.24 30.23 7.18
CA LYS A 197 -3.44 30.53 7.93
C LYS A 197 -3.37 31.83 8.73
N ASN A 198 -2.16 32.31 9.01
CA ASN A 198 -2.02 33.45 9.90
C ASN A 198 -2.80 33.24 11.18
N ALA A 199 -2.56 32.11 11.82
CA ALA A 199 -3.35 31.67 12.94
C ALA A 199 -2.78 32.14 14.27
N ARG A 200 -3.60 32.07 15.31
CA ARG A 200 -3.18 32.41 16.67
C ARG A 200 -3.86 31.39 17.54
N VAL A 201 -3.12 30.74 18.40
CA VAL A 201 -3.82 29.89 19.34
C VAL A 201 -3.63 30.32 20.81
N ASP A 202 -4.67 30.08 21.58
CA ASP A 202 -4.66 30.33 23.01
C ASP A 202 -3.91 29.25 23.78
N ALA A 203 -3.88 28.04 23.24
CA ALA A 203 -3.25 26.92 23.92
C ALA A 203 -1.78 27.16 24.24
N ARG A 204 -1.32 26.68 25.39
CA ARG A 204 0.10 26.58 25.61
C ARG A 204 0.60 25.45 24.74
N VAL A 205 1.67 25.67 24.01
CA VAL A 205 2.24 24.68 23.13
C VAL A 205 3.53 24.09 23.72
N SER A 206 3.54 22.78 23.86
CA SER A 206 4.74 22.07 24.20
C SER A 206 5.11 21.18 22.98
N VAL A 207 6.37 21.27 22.58
CA VAL A 207 6.93 20.47 21.49
C VAL A 207 7.91 19.39 22.01
N LEU A 208 7.61 18.13 21.68
CA LEU A 208 8.54 17.04 21.94
C LEU A 208 9.40 16.82 20.69
N ILE A 209 10.71 16.80 20.92
CA ILE A 209 11.71 16.67 19.87
C ILE A 209 12.68 15.54 20.25
N GLY A 210 12.87 14.59 19.35
CA GLY A 210 13.91 13.59 19.46
C GLY A 210 15.23 14.19 19.01
N GLY A 211 16.25 14.06 19.85
CA GLY A 211 17.57 14.61 19.53
C GLY A 211 18.25 14.09 18.27
N ASN A 212 17.88 12.92 17.80
CA ASN A 212 18.45 12.43 16.54
C ASN A 212 17.76 12.92 15.30
N GLU A 213 16.56 13.52 15.47
CA GLU A 213 15.87 14.15 14.33
C GLU A 213 16.67 15.33 13.88
N ILE A 214 17.28 15.18 12.72
CA ILE A 214 18.16 16.21 12.15
C ILE A 214 17.49 17.59 12.05
N TYR A 215 16.21 17.65 11.77
CA TYR A 215 15.53 18.94 11.65
C TYR A 215 14.42 19.04 12.66
N GLY A 216 14.59 18.37 13.80
CA GLY A 216 13.56 18.34 14.84
C GLY A 216 13.02 19.70 15.23
N ALA A 217 13.86 20.74 15.17
CA ALA A 217 13.44 22.10 15.58
C ALA A 217 12.92 23.04 14.45
N GLN A 218 12.85 22.55 13.22
CA GLN A 218 12.56 23.42 12.07
C GLN A 218 11.30 24.26 12.25
N PHE A 219 10.28 23.70 12.89
CA PHE A 219 8.98 24.36 12.98
C PHE A 219 8.70 25.14 14.28
N THR A 220 9.68 25.16 15.17
CA THR A 220 9.42 25.79 16.45
C THR A 220 9.26 27.33 16.29
N PRO A 221 10.03 27.97 15.41
CA PRO A 221 9.74 29.40 15.19
C PRO A 221 8.30 29.71 14.74
N LEU A 222 7.79 28.93 13.78
CA LEU A 222 6.41 29.08 13.34
C LEU A 222 5.40 28.89 14.48
N LEU A 223 5.60 27.86 15.27
CA LEU A 223 4.67 27.61 16.38
C LEU A 223 4.72 28.72 17.41
N ALA A 224 5.90 29.28 17.62
CA ALA A 224 6.10 30.36 18.55
C ALA A 224 5.36 31.65 18.17
N GLU A 225 5.29 31.99 16.89
CA GLU A 225 4.51 33.15 16.48
C GLU A 225 3.01 32.86 16.46
N ILE A 226 2.62 31.60 16.42
CA ILE A 226 1.23 31.23 16.50
C ILE A 226 0.68 31.30 17.95
N SER A 227 1.44 30.82 18.93
CA SER A 227 0.93 30.77 20.29
C SER A 227 0.91 32.21 20.83
N ARG A 228 -0.15 32.58 21.54
CA ARG A 228 -0.14 33.79 22.37
C ARG A 228 0.70 33.62 23.66
N HIS A 229 1.34 32.46 23.86
CA HIS A 229 2.17 32.20 25.04
C HIS A 229 3.49 31.58 24.63
N PRO A 230 4.52 31.71 25.48
CA PRO A 230 5.81 31.12 25.09
C PRO A 230 5.73 29.58 24.98
N LEU A 231 6.59 29.02 24.15
CA LEU A 231 6.69 27.60 23.93
C LEU A 231 7.47 26.92 25.01
N ASP A 232 7.06 25.71 25.36
CA ASP A 232 7.88 24.80 26.14
C ASP A 232 8.41 23.69 25.24
N ILE A 233 9.74 23.50 25.27
CA ILE A 233 10.39 22.46 24.46
C ILE A 233 10.91 21.32 25.32
N TYR A 234 10.61 20.10 24.90
CA TYR A 234 11.04 18.90 25.60
C TYR A 234 11.91 18.10 24.64
N GLU A 235 13.21 17.98 24.97
CA GLU A 235 14.22 17.35 24.14
C GLU A 235 14.40 15.92 24.67
N PHE A 236 14.44 14.90 23.81
CA PHE A 236 14.71 13.54 24.27
C PHE A 236 15.94 13.07 23.53
N PRO A 237 17.05 12.82 24.25
CA PRO A 237 18.32 12.60 23.57
C PRO A 237 18.36 11.21 22.96
N ASN A 238 19.15 11.08 21.89
CA ASN A 238 19.32 9.83 21.14
C ASN A 238 18.01 9.22 20.76
N ARG A 239 17.03 10.06 20.45
CA ARG A 239 15.72 9.57 20.04
C ARG A 239 15.35 10.13 18.66
N GLY A 240 14.80 9.27 17.80
CA GLY A 240 14.29 9.71 16.51
C GLY A 240 12.78 9.91 16.45
N HIS A 241 12.28 10.07 15.24
CA HIS A 241 10.87 10.37 15.01
C HIS A 241 9.99 9.31 15.63
N ALA A 242 9.17 9.73 16.57
CA ALA A 242 8.24 8.82 17.29
C ALA A 242 8.90 7.71 18.11
N GLU A 243 10.22 7.78 18.38
CA GLU A 243 10.93 6.74 19.16
C GLU A 243 10.47 6.70 20.67
N VAL A 244 10.26 7.87 21.25
CA VAL A 244 9.75 7.93 22.61
C VAL A 244 8.36 7.29 22.69
N LEU A 245 7.52 7.53 21.68
CA LEU A 245 6.19 6.92 21.67
C LEU A 245 6.27 5.42 21.50
N SER A 246 7.18 4.99 20.65
CA SER A 246 7.25 3.58 20.32
C SER A 246 7.73 2.79 21.53
N LYS A 247 8.90 3.15 22.04
CA LYS A 247 9.58 2.36 23.06
C LYS A 247 9.51 2.87 24.52
N GLU A 248 9.20 4.16 24.76
CA GLU A 248 8.93 4.73 26.10
C GLU A 248 7.71 5.61 26.19
N PRO A 249 6.56 5.09 25.77
CA PRO A 249 5.34 5.84 25.87
C PRO A 249 5.03 6.30 27.32
N GLU A 250 5.50 5.55 28.31
CA GLU A 250 5.37 5.95 29.68
C GLU A 250 5.99 7.33 29.97
N LYS A 251 7.01 7.78 29.23
CA LYS A 251 7.48 9.17 29.41
C LYS A 251 6.52 10.19 28.85
N ILE A 252 5.74 9.80 27.85
CA ILE A 252 4.70 10.71 27.36
C ILE A 252 3.63 10.86 28.44
N SER A 253 3.18 9.74 29.02
CA SER A 253 2.23 9.77 30.18
C SER A 253 2.62 10.69 31.28
N ARG A 254 3.88 10.56 31.69
CA ARG A 254 4.40 11.36 32.80
C ARG A 254 4.34 12.83 32.41
N LEU A 255 4.76 13.13 31.21
CA LEU A 255 4.77 14.51 30.76
C LEU A 255 3.37 15.13 30.71
N ILE A 256 2.39 14.38 30.22
CA ILE A 256 1.01 14.85 30.20
C ILE A 256 0.53 15.20 31.62
N ARG A 257 0.79 14.32 32.57
CA ARG A 257 0.45 14.55 33.99
C ARG A 257 1.14 15.79 34.50
N GLU A 258 2.42 15.94 34.18
CA GLU A 258 3.23 17.10 34.65
C GLU A 258 2.72 18.41 34.13
N ILE A 259 2.47 18.46 32.83
CA ILE A 259 1.90 19.66 32.19
C ILE A 259 0.52 19.97 32.69
N LEU A 260 -0.26 18.97 33.08
CA LEU A 260 -1.57 19.21 33.64
C LEU A 260 -1.58 19.48 35.15
N ASN A 261 -0.45 19.89 35.69
CA ASN A 261 -0.41 20.42 37.04
C ASN A 261 0.40 21.71 37.04
N LYS B 12 -3.00 -13.06 -31.45
CA LYS B 12 -3.11 -11.57 -31.56
C LYS B 12 -2.05 -10.94 -30.68
N LEU B 13 -0.97 -10.51 -31.30
CA LEU B 13 0.20 -10.08 -30.59
C LEU B 13 0.48 -8.60 -30.88
N HIS B 14 0.25 -7.70 -29.93
CA HIS B 14 0.53 -6.28 -30.17
C HIS B 14 1.99 -5.96 -29.91
N ARG B 15 2.53 -5.10 -30.75
CA ARG B 15 3.95 -4.79 -30.75
C ARG B 15 4.09 -3.29 -30.68
N MSE B 16 4.90 -2.79 -29.76
CA MSE B 16 5.17 -1.37 -29.73
C MSE B 16 6.53 -1.15 -29.17
O MSE B 16 7.30 -2.08 -29.05
CB MSE B 16 4.03 -0.67 -28.97
CG MSE B 16 3.49 -1.43 -27.79
SE MSE B 16 1.60 -1.02 -27.66
CE MSE B 16 1.67 0.93 -28.00
N GLY B 17 6.85 0.10 -28.85
CA GLY B 17 8.22 0.46 -28.51
C GLY B 17 9.13 0.41 -29.73
N GLU B 18 10.42 0.20 -29.48
CA GLU B 18 11.41 0.25 -30.55
C GLU B 18 11.63 -1.12 -31.15
N PRO B 19 11.35 -1.31 -32.47
CA PRO B 19 11.33 -2.67 -33.07
C PRO B 19 12.54 -3.58 -32.75
N HIS B 20 13.74 -3.00 -32.66
CA HIS B 20 14.98 -3.75 -32.37
C HIS B 20 15.59 -3.44 -31.00
N GLY B 21 14.92 -2.65 -30.17
CA GLY B 21 15.26 -2.57 -28.74
C GLY B 21 15.05 -3.95 -28.11
N PRO B 22 15.42 -4.10 -26.82
CA PRO B 22 15.30 -5.44 -26.21
C PRO B 22 13.85 -5.85 -25.89
N LYS B 23 13.55 -7.14 -26.04
CA LYS B 23 12.17 -7.61 -26.07
C LYS B 23 11.63 -7.88 -24.68
N VAL B 24 10.49 -7.28 -24.35
CA VAL B 24 9.76 -7.53 -23.11
C VAL B 24 8.36 -7.99 -23.48
N LEU B 25 7.94 -9.10 -22.91
CA LEU B 25 6.65 -9.65 -23.25
C LEU B 25 5.79 -9.55 -21.98
N LEU B 26 4.60 -8.97 -22.15
CA LEU B 26 3.68 -8.67 -21.05
C LEU B 26 2.44 -9.47 -21.30
N ILE B 27 2.12 -10.40 -20.42
CA ILE B 27 0.96 -11.27 -20.57
C ILE B 27 -0.06 -10.99 -19.49
N HIS B 28 -1.29 -10.65 -19.89
CA HIS B 28 -2.36 -10.40 -18.92
C HIS B 28 -3.01 -11.65 -18.41
N GLY B 29 -3.88 -11.48 -17.43
CA GLY B 29 -4.58 -12.64 -16.83
C GLY B 29 -6.02 -12.81 -17.25
N ALA B 30 -6.69 -13.84 -16.73
CA ALA B 30 -8.11 -14.01 -17.03
C ALA B 30 -9.00 -12.83 -16.66
N GLY B 31 -9.82 -12.45 -17.62
CA GLY B 31 -10.77 -11.38 -17.50
C GLY B 31 -10.19 -10.01 -17.69
N PHE B 32 -8.87 -9.86 -17.86
CA PHE B 32 -8.28 -8.53 -17.99
C PHE B 32 -8.20 -8.24 -19.49
N TYR B 33 -7.64 -7.10 -19.86
CA TYR B 33 -7.53 -6.75 -21.27
C TYR B 33 -6.14 -6.18 -21.52
N TRP B 34 -5.53 -6.54 -22.64
CA TRP B 34 -4.16 -6.09 -22.88
C TRP B 34 -3.93 -4.55 -22.69
N GLN B 35 -4.82 -3.69 -23.18
CA GLN B 35 -4.55 -2.23 -23.13
C GLN B 35 -4.71 -1.58 -21.74
N THR B 36 -5.79 -1.88 -21.06
CA THR B 36 -6.02 -1.25 -19.77
C THR B 36 -5.00 -1.73 -18.75
N CYS B 37 -4.56 -2.96 -18.95
CA CYS B 37 -3.62 -3.64 -18.10
C CYS B 37 -2.19 -3.03 -18.08
N PHE B 38 -1.67 -2.71 -19.26
CA PHE B 38 -0.26 -2.38 -19.47
C PHE B 38 -0.01 -0.96 -19.95
N ALA B 39 -1.03 -0.12 -20.00
CA ALA B 39 -0.88 1.19 -20.62
C ALA B 39 0.22 2.02 -19.97
N ARG B 40 0.27 2.07 -18.65
CA ARG B 40 1.32 2.80 -18.00
C ARG B 40 2.67 2.17 -18.16
N ILE B 41 2.72 0.84 -18.09
CA ILE B 41 3.98 0.14 -18.27
C ILE B 41 4.58 0.37 -19.67
N ILE B 42 3.73 0.30 -20.69
CA ILE B 42 4.15 0.64 -22.05
C ILE B 42 4.64 2.09 -22.13
N ARG B 43 3.90 3.05 -21.63
CA ARG B 43 4.41 4.43 -21.63
C ARG B 43 5.81 4.54 -20.97
N ASP B 44 6.03 3.81 -19.89
CA ASP B 44 7.32 3.85 -19.19
C ASP B 44 8.51 3.22 -19.93
N LEU B 45 8.24 2.18 -20.73
CA LEU B 45 9.29 1.35 -21.33
C LEU B 45 9.43 1.52 -22.84
N LYS B 46 8.47 2.13 -23.52
CA LYS B 46 8.48 2.12 -24.99
C LYS B 46 9.61 2.90 -25.65
N ASP B 47 10.19 3.84 -24.92
CA ASP B 47 11.38 4.56 -25.38
C ASP B 47 12.55 3.59 -25.71
N ARG B 48 12.82 2.66 -24.80
CA ARG B 48 13.92 1.69 -24.90
C ARG B 48 13.51 0.36 -25.50
N TYR B 49 12.51 -0.28 -24.92
CA TYR B 49 12.29 -1.72 -25.13
C TYR B 49 11.29 -1.97 -26.22
N CYS B 50 11.42 -3.12 -26.86
CA CYS B 50 10.39 -3.59 -27.78
C CYS B 50 9.37 -4.34 -26.96
N LEU B 51 8.12 -3.89 -26.97
CA LEU B 51 7.08 -4.48 -26.11
C LEU B 51 6.22 -5.34 -26.98
N LEU B 52 5.97 -6.57 -26.51
CA LEU B 52 5.17 -7.54 -27.22
C LEU B 52 4.04 -7.92 -26.26
N ILE B 53 2.78 -7.73 -26.66
CA ILE B 53 1.67 -7.85 -25.76
C ILE B 53 0.53 -8.65 -26.39
N PRO B 54 0.45 -9.96 -26.08
CA PRO B 54 -0.60 -10.83 -26.60
C PRO B 54 -1.95 -10.63 -25.95
N GLU B 55 -2.99 -10.88 -26.71
CA GLU B 55 -4.32 -11.05 -26.17
C GLU B 55 -4.56 -12.50 -25.85
N LEU B 56 -4.92 -12.84 -24.63
CA LEU B 56 -5.44 -14.21 -24.39
C LEU B 56 -6.65 -14.45 -25.26
N GLU B 57 -6.85 -15.70 -25.67
CA GLU B 57 -7.99 -16.11 -26.51
C GLU B 57 -9.27 -15.64 -25.86
N GLY B 58 -10.17 -15.07 -26.64
CA GLY B 58 -11.50 -14.63 -26.17
C GLY B 58 -11.56 -13.24 -25.49
N HIS B 59 -10.38 -12.65 -25.24
CA HIS B 59 -10.28 -11.37 -24.51
C HIS B 59 -10.23 -10.20 -25.44
N THR B 60 -11.35 -10.07 -26.15
CA THR B 60 -11.48 -9.12 -27.22
C THR B 60 -12.94 -8.88 -27.41
N ALA B 61 -13.28 -7.84 -28.17
CA ALA B 61 -14.61 -7.36 -28.21
C ALA B 61 -15.56 -8.31 -28.96
N HIS B 62 -15.03 -9.06 -29.94
CA HIS B 62 -15.87 -9.97 -30.74
C HIS B 62 -15.16 -11.29 -30.89
N PRO B 63 -15.15 -12.12 -29.85
CA PRO B 63 -14.23 -13.26 -29.89
C PRO B 63 -14.61 -14.32 -30.95
N ARG B 64 -13.59 -14.93 -31.53
CA ARG B 64 -13.79 -15.98 -32.55
C ARG B 64 -13.31 -17.32 -32.04
N GLU B 65 -12.86 -17.37 -30.80
CA GLU B 65 -12.38 -18.58 -30.18
C GLU B 65 -12.09 -18.26 -28.72
N TYR B 66 -11.78 -19.30 -27.97
CA TYR B 66 -11.62 -19.19 -26.53
C TYR B 66 -10.41 -19.96 -26.15
N MSE B 67 -10.01 -19.83 -24.89
CA MSE B 67 -8.79 -20.50 -24.45
C MSE B 67 -9.02 -21.98 -24.31
O MSE B 67 -10.11 -22.42 -23.96
CB MSE B 67 -8.35 -19.97 -23.11
CG MSE B 67 -6.87 -20.23 -22.95
SE MSE B 67 -6.04 -19.07 -21.59
CE MSE B 67 -7.07 -17.51 -21.92
N VAL B 68 -7.99 -22.76 -24.60
CA VAL B 68 -8.06 -24.23 -24.52
C VAL B 68 -7.20 -24.67 -23.38
N SER B 69 -5.94 -24.27 -23.36
CA SER B 69 -5.05 -24.65 -22.27
C SER B 69 -3.88 -23.68 -22.25
N VAL B 70 -3.18 -23.66 -21.12
CA VAL B 70 -1.97 -22.90 -21.00
C VAL B 70 -0.95 -23.35 -22.08
N GLU B 71 -0.85 -24.66 -22.30
CA GLU B 71 0.13 -25.22 -23.21
C GLU B 71 -0.11 -24.78 -24.63
N GLU B 72 -1.35 -24.84 -25.05
CA GLU B 72 -1.77 -24.43 -26.39
C GLU B 72 -1.56 -22.93 -26.63
N THR B 73 -2.03 -22.14 -25.71
CA THR B 73 -1.76 -20.70 -25.72
C THR B 73 -0.27 -20.42 -25.79
N ALA B 74 0.54 -21.10 -24.97
CA ALA B 74 1.97 -20.89 -24.99
C ALA B 74 2.55 -21.24 -26.35
N GLY B 75 2.07 -22.35 -26.93
CA GLY B 75 2.47 -22.80 -28.28
C GLY B 75 2.08 -21.80 -29.37
N LYS B 76 0.80 -21.43 -29.42
CA LYS B 76 0.36 -20.39 -30.36
C LYS B 76 1.12 -19.07 -30.20
N LEU B 77 1.50 -18.74 -28.97
CA LEU B 77 2.23 -17.52 -28.76
C LEU B 77 3.66 -17.67 -29.23
N GLY B 78 4.24 -18.83 -28.97
CA GLY B 78 5.58 -19.18 -29.48
C GLY B 78 5.66 -19.05 -31.00
N GLU B 79 4.66 -19.55 -31.71
CA GLU B 79 4.76 -19.51 -33.15
C GLU B 79 4.56 -18.10 -33.70
N ALA B 80 3.76 -17.27 -33.03
CA ALA B 80 3.58 -15.87 -33.47
C ALA B 80 4.90 -15.12 -33.39
N LEU B 81 5.60 -15.32 -32.29
CA LEU B 81 6.93 -14.79 -32.10
C LEU B 81 7.94 -15.27 -33.18
N GLU B 82 8.14 -16.58 -33.30
CA GLU B 82 9.01 -17.16 -34.34
C GLU B 82 8.67 -16.55 -35.69
N GLU B 83 7.38 -16.47 -36.00
CA GLU B 83 6.87 -15.80 -37.19
C GLU B 83 7.40 -14.37 -37.38
N LEU B 84 7.52 -13.61 -36.30
CA LEU B 84 8.15 -12.27 -36.32
C LEU B 84 9.65 -12.33 -36.21
N ARG B 85 10.25 -13.48 -36.54
CA ARG B 85 11.67 -13.81 -36.23
C ARG B 85 12.22 -13.23 -34.92
N VAL B 86 11.45 -13.39 -33.85
CA VAL B 86 11.94 -13.21 -32.49
C VAL B 86 12.22 -14.59 -31.96
N ASP B 87 13.46 -14.80 -31.50
CA ASP B 87 13.85 -16.06 -30.87
C ASP B 87 14.16 -15.90 -29.38
N LYS B 88 14.28 -14.66 -28.90
CA LYS B 88 14.78 -14.45 -27.57
C LYS B 88 14.06 -13.28 -26.90
N VAL B 89 13.85 -13.43 -25.60
CA VAL B 89 13.08 -12.49 -24.88
C VAL B 89 13.77 -12.20 -23.57
N GLN B 90 13.99 -10.92 -23.30
CA GLN B 90 14.74 -10.52 -22.10
C GLN B 90 13.92 -10.80 -20.85
N ALA B 91 12.65 -10.45 -20.93
CA ALA B 91 11.76 -10.65 -19.80
C ALA B 91 10.35 -11.00 -20.23
N ILE B 92 9.66 -11.75 -19.40
CA ILE B 92 8.23 -11.85 -19.54
C ILE B 92 7.66 -11.53 -18.19
N TYR B 93 6.77 -10.57 -18.19
CA TYR B 93 5.99 -10.30 -16.99
C TYR B 93 4.68 -10.94 -17.25
N GLY B 94 4.18 -11.74 -16.31
CA GLY B 94 2.88 -12.33 -16.46
C GLY B 94 2.15 -12.20 -15.17
N VAL B 95 0.85 -11.87 -15.25
CA VAL B 95 0.03 -11.70 -14.06
C VAL B 95 -1.08 -12.69 -14.02
N SER B 96 -1.26 -13.30 -12.86
CA SER B 96 -2.27 -14.31 -12.66
C SER B 96 -2.11 -15.44 -13.72
N LEU B 97 -3.16 -15.81 -14.45
CA LEU B 97 -3.03 -16.76 -15.57
C LEU B 97 -1.88 -16.43 -16.54
N GLY B 98 -1.60 -15.15 -16.73
CA GLY B 98 -0.45 -14.76 -17.56
C GLY B 98 0.88 -15.29 -17.04
N ALA B 99 0.98 -15.43 -15.74
CA ALA B 99 2.20 -15.97 -15.15
C ALA B 99 2.37 -17.44 -15.55
N SER B 100 1.28 -18.18 -15.64
CA SER B 100 1.39 -19.59 -16.03
C SER B 100 1.80 -19.75 -17.51
N VAL B 101 1.27 -18.89 -18.36
CA VAL B 101 1.64 -18.90 -19.77
C VAL B 101 3.10 -18.56 -19.89
N ALA B 102 3.55 -17.62 -19.09
CA ALA B 102 4.97 -17.22 -19.04
C ALA B 102 5.93 -18.35 -18.62
N VAL B 103 5.58 -19.08 -17.56
CA VAL B 103 6.41 -20.21 -17.12
C VAL B 103 6.42 -21.29 -18.20
N GLU B 104 5.24 -21.58 -18.72
CA GLU B 104 5.12 -22.59 -19.75
C GLU B 104 5.95 -22.24 -20.99
N MSE B 105 6.11 -20.97 -21.29
CA MSE B 105 7.00 -20.65 -22.39
C MSE B 105 8.45 -20.83 -22.11
O MSE B 105 9.19 -21.27 -22.97
CB MSE B 105 6.87 -19.24 -22.88
CG MSE B 105 6.62 -19.39 -24.37
SE MSE B 105 4.94 -18.46 -24.44
CE MSE B 105 5.95 -16.84 -24.89
N ALA B 106 8.90 -20.47 -20.92
CA ALA B 106 10.26 -20.77 -20.53
C ALA B 106 10.52 -22.26 -20.68
N ILE B 107 9.58 -23.08 -20.21
CA ILE B 107 9.73 -24.57 -20.25
C ILE B 107 9.80 -25.13 -21.67
N ARG B 108 8.84 -24.73 -22.51
CA ARG B 108 8.78 -25.19 -23.92
C ARG B 108 10.06 -25.05 -24.66
N GLY B 109 10.86 -24.03 -24.34
CA GLY B 109 12.14 -23.84 -25.02
C GLY B 109 12.04 -23.37 -26.46
N GLU B 110 10.82 -23.33 -26.99
CA GLU B 110 10.52 -22.83 -28.33
C GLU B 110 11.19 -21.48 -28.59
N ILE B 111 11.21 -20.64 -27.56
CA ILE B 111 11.83 -19.30 -27.64
C ILE B 111 12.58 -19.03 -26.33
N LYS B 112 13.84 -18.62 -26.42
CA LYS B 112 14.66 -18.36 -25.23
C LYS B 112 14.18 -17.16 -24.40
N VAL B 113 14.27 -17.30 -23.09
CA VAL B 113 13.65 -16.41 -22.12
C VAL B 113 14.67 -16.11 -21.03
N MSE B 114 15.21 -14.88 -20.94
CA MSE B 114 16.23 -14.60 -19.92
C MSE B 114 15.60 -14.46 -18.54
O MSE B 114 16.13 -15.01 -17.57
CB MSE B 114 17.03 -13.32 -20.17
CG MSE B 114 18.19 -13.31 -21.16
SE MSE B 114 18.94 -15.06 -21.63
CE MSE B 114 17.94 -15.23 -23.30
N ASN B 115 14.49 -13.72 -18.41
CA ASN B 115 13.86 -13.48 -17.09
C ASN B 115 12.35 -13.68 -17.07
N LEU B 116 11.85 -14.26 -15.98
CA LEU B 116 10.41 -14.36 -15.73
C LEU B 116 10.07 -13.53 -14.50
N LEU B 117 9.10 -12.64 -14.64
CA LEU B 117 8.52 -11.92 -13.50
C LEU B 117 7.08 -12.35 -13.42
N LEU B 118 6.79 -13.06 -12.35
CA LEU B 118 5.55 -13.79 -12.23
C LEU B 118 4.78 -13.19 -11.10
N ASP B 119 3.64 -12.62 -11.42
CA ASP B 119 2.91 -11.85 -10.47
C ASP B 119 1.63 -12.58 -10.19
N GLY B 120 1.50 -13.08 -8.98
CA GLY B 120 0.21 -13.62 -8.49
C GLY B 120 -0.29 -14.86 -9.20
N GLY B 121 0.61 -15.75 -9.54
CA GLY B 121 0.21 -16.89 -10.31
C GLY B 121 -0.15 -18.06 -9.43
N GLN B 122 -0.95 -18.94 -10.01
CA GLN B 122 -1.50 -20.11 -9.35
C GLN B 122 -1.13 -21.30 -10.27
N TYR B 123 -0.47 -22.31 -9.70
CA TYR B 123 0.26 -23.35 -10.45
C TYR B 123 -0.07 -24.82 -10.09
N GLU B 124 -1.18 -25.07 -9.38
CA GLU B 124 -1.77 -26.40 -9.29
C GLU B 124 -3.25 -26.25 -9.17
N GLY B 125 -4.04 -27.30 -9.42
CA GLY B 125 -5.49 -27.17 -9.58
C GLY B 125 -6.24 -27.22 -8.28
N MSE B 126 -7.51 -27.57 -8.30
CA MSE B 126 -8.22 -27.87 -7.02
C MSE B 126 -8.85 -29.22 -7.10
O MSE B 126 -9.86 -29.51 -6.41
CB MSE B 126 -9.21 -26.77 -6.63
CG MSE B 126 -9.81 -26.06 -7.86
SE MSE B 126 -9.11 -24.27 -8.22
CE MSE B 126 -7.93 -24.11 -6.67
N GLY B 127 -8.24 -30.06 -7.92
CA GLY B 127 -8.66 -31.41 -8.09
C GLY B 127 -10.09 -31.46 -8.55
N GLU B 128 -10.90 -32.13 -7.75
CA GLU B 128 -12.28 -32.49 -8.06
C GLU B 128 -13.20 -31.24 -8.07
N MSE B 129 -12.80 -30.18 -7.39
CA MSE B 129 -13.57 -28.92 -7.39
C MSE B 129 -13.25 -28.02 -8.57
O MSE B 129 -13.86 -26.98 -8.74
CB MSE B 129 -13.40 -28.17 -6.06
CG MSE B 129 -13.76 -29.00 -4.81
SE MSE B 129 -15.58 -29.82 -4.79
CE MSE B 129 -15.03 -31.67 -5.10
N THR B 130 -12.30 -28.42 -9.43
CA THR B 130 -11.75 -27.48 -10.40
C THR B 130 -12.80 -26.80 -11.30
N GLU B 131 -13.70 -27.58 -11.87
CA GLU B 131 -14.75 -27.00 -12.72
C GLU B 131 -15.78 -26.12 -11.95
N GLN B 132 -16.20 -26.57 -10.78
CA GLN B 132 -17.16 -25.83 -9.98
C GLN B 132 -16.57 -24.52 -9.49
N TYR B 133 -15.28 -24.53 -9.13
CA TYR B 133 -14.64 -23.35 -8.64
C TYR B 133 -14.36 -22.37 -9.78
N ALA B 134 -14.10 -22.87 -10.98
CA ALA B 134 -13.83 -22.03 -12.11
C ALA B 134 -15.12 -21.27 -12.48
N ASN B 135 -16.25 -21.97 -12.44
CA ASN B 135 -17.54 -21.31 -12.60
C ASN B 135 -17.80 -20.18 -11.58
N ILE B 136 -17.45 -20.42 -10.33
CA ILE B 136 -17.62 -19.41 -9.27
C ILE B 136 -16.78 -18.21 -9.57
N MSE B 137 -15.52 -18.45 -9.95
CA MSE B 137 -14.60 -17.33 -10.16
C MSE B 137 -14.99 -16.53 -11.37
O MSE B 137 -14.76 -15.36 -11.41
CB MSE B 137 -13.21 -17.89 -10.28
CG MSE B 137 -12.79 -18.49 -8.95
SE MSE B 137 -12.75 -17.00 -7.63
CE MSE B 137 -11.81 -15.61 -8.70
N ALA B 138 -15.60 -17.17 -12.36
CA ALA B 138 -16.03 -16.45 -13.57
C ALA B 138 -17.15 -15.49 -13.20
N ASP B 139 -18.14 -15.96 -12.46
CA ASP B 139 -19.20 -15.10 -12.05
C ASP B 139 -18.71 -14.04 -11.08
N ALA B 140 -17.76 -14.37 -10.21
CA ALA B 140 -17.23 -13.35 -9.31
C ALA B 140 -16.58 -12.18 -10.04
N PHE B 141 -15.79 -12.48 -11.04
CA PHE B 141 -15.17 -11.46 -11.89
C PHE B 141 -16.21 -10.60 -12.63
N LEU B 142 -17.30 -11.23 -13.05
CA LEU B 142 -18.36 -10.48 -13.75
C LEU B 142 -19.06 -9.60 -12.78
N ASN B 143 -19.29 -10.09 -11.58
CA ASN B 143 -19.83 -9.20 -10.56
C ASN B 143 -18.96 -8.02 -10.18
N LEU B 144 -17.63 -8.16 -10.17
CA LEU B 144 -16.75 -7.00 -10.01
C LEU B 144 -16.99 -5.98 -11.09
N LEU B 145 -17.17 -6.48 -12.30
CA LEU B 145 -17.44 -5.60 -13.41
C LEU B 145 -18.59 -4.67 -13.07
N ALA B 146 -19.70 -5.26 -12.60
CA ALA B 146 -20.90 -4.51 -12.22
C ALA B 146 -20.81 -3.93 -10.81
N GLY B 147 -19.63 -3.96 -10.20
CA GLY B 147 -19.42 -3.25 -8.94
C GLY B 147 -19.76 -4.06 -7.71
N GLU B 148 -20.05 -5.35 -7.84
CA GLU B 148 -20.33 -6.21 -6.68
C GLU B 148 -19.03 -6.80 -6.10
N HIS B 149 -19.00 -6.99 -4.77
CA HIS B 149 -17.83 -7.55 -4.08
C HIS B 149 -17.64 -9.05 -4.36
N LEU B 150 -16.39 -9.45 -4.48
CA LEU B 150 -16.04 -10.86 -4.40
C LEU B 150 -16.67 -11.47 -3.15
N PRO B 151 -17.21 -12.69 -3.27
CA PRO B 151 -17.71 -13.40 -2.10
C PRO B 151 -16.55 -13.93 -1.26
N SER B 152 -16.76 -14.05 0.03
CA SER B 152 -15.95 -14.93 0.89
C SER B 152 -16.04 -16.38 0.47
N PRO B 153 -14.95 -17.10 0.60
CA PRO B 153 -13.62 -16.74 1.13
C PRO B 153 -12.64 -16.23 0.07
N VAL B 154 -13.13 -16.02 -1.15
CA VAL B 154 -12.33 -15.58 -2.28
C VAL B 154 -11.76 -14.18 -2.07
N LYS B 155 -12.57 -13.31 -1.50
CA LYS B 155 -12.20 -11.93 -1.26
C LYS B 155 -10.95 -11.88 -0.38
N GLU B 156 -10.98 -12.62 0.71
CA GLU B 156 -9.86 -12.69 1.64
C GLU B 156 -8.65 -13.47 1.14
N ASN B 157 -8.84 -14.61 0.46
CA ASN B 157 -7.74 -15.35 -0.17
C ASN B 157 -6.92 -14.50 -1.20
N MSE B 158 -7.59 -13.59 -1.89
CA MSE B 158 -6.96 -12.68 -2.85
C MSE B 158 -6.40 -11.41 -2.18
O MSE B 158 -5.77 -10.58 -2.84
CB MSE B 158 -8.00 -12.34 -3.92
CG MSE B 158 -8.28 -13.56 -4.79
SE MSE B 158 -9.38 -13.04 -6.33
CE MSE B 158 -7.81 -12.72 -7.46
N GLY B 159 -6.66 -11.25 -0.88
CA GLY B 159 -6.00 -10.27 -0.09
C GLY B 159 -6.75 -8.98 0.04
N PHE B 160 -8.07 -9.07 -0.02
CA PHE B 160 -8.94 -7.92 0.01
C PHE B 160 -9.91 -7.92 1.21
N ALA B 161 -9.42 -8.37 2.34
CA ALA B 161 -10.18 -8.30 3.59
C ALA B 161 -10.61 -6.89 3.97
N ALA B 162 -9.88 -5.87 3.50
CA ALA B 162 -10.26 -4.48 3.78
C ALA B 162 -11.41 -4.01 2.90
N ASN B 163 -11.86 -4.89 2.05
CA ASN B 163 -13.03 -4.65 1.24
C ASN B 163 -12.79 -3.69 0.09
N ASN B 164 -11.53 -3.64 -0.36
CA ASN B 164 -11.11 -2.78 -1.46
C ASN B 164 -10.91 -3.53 -2.78
N ASP B 165 -11.55 -4.69 -2.87
CA ASP B 165 -11.44 -5.56 -4.04
C ASP B 165 -12.01 -4.88 -5.27
N VAL B 166 -13.20 -4.31 -5.13
CA VAL B 166 -13.82 -3.61 -6.25
C VAL B 166 -12.95 -2.43 -6.68
N GLU B 167 -12.55 -1.61 -5.73
CA GLU B 167 -11.79 -0.43 -6.11
C GLU B 167 -10.46 -0.79 -6.76
N VAL B 168 -9.84 -1.90 -6.36
CA VAL B 168 -8.61 -2.35 -6.99
C VAL B 168 -8.81 -3.12 -8.30
N LEU B 169 -9.72 -4.08 -8.32
CA LEU B 169 -9.83 -4.93 -9.47
C LEU B 169 -10.78 -4.37 -10.56
N GLN B 170 -11.84 -3.67 -10.19
CA GLN B 170 -12.81 -3.25 -11.24
C GLN B 170 -12.16 -2.68 -12.48
N PRO B 171 -11.27 -1.69 -12.34
CA PRO B 171 -10.64 -1.11 -13.53
C PRO B 171 -9.78 -2.07 -14.39
N LEU B 172 -9.33 -3.20 -13.85
CA LEU B 172 -8.66 -4.21 -14.65
C LEU B 172 -9.54 -5.20 -15.44
N ILE B 173 -10.81 -5.38 -15.06
CA ILE B 173 -11.68 -6.32 -15.72
C ILE B 173 -12.11 -5.70 -17.05
N TYR B 174 -11.93 -6.43 -18.14
CA TYR B 174 -12.27 -5.92 -19.43
C TYR B 174 -13.79 -5.67 -19.53
N GLU B 175 -14.19 -4.44 -19.86
CA GLU B 175 -15.62 -4.14 -19.88
C GLU B 175 -16.48 -5.00 -20.82
N HIS B 176 -15.92 -5.53 -21.90
CA HIS B 176 -16.69 -6.43 -22.77
C HIS B 176 -16.41 -7.90 -22.61
N ILE B 177 -15.76 -8.31 -21.51
CA ILE B 177 -15.55 -9.75 -21.27
C ILE B 177 -16.88 -10.51 -21.28
N THR B 178 -16.93 -11.69 -21.90
CA THR B 178 -18.09 -12.60 -21.78
C THR B 178 -17.79 -13.74 -20.77
N ARG B 179 -18.86 -14.33 -20.26
CA ARG B 179 -18.69 -15.39 -19.28
C ARG B 179 -17.98 -16.59 -19.90
N GLU B 180 -18.31 -16.89 -21.14
CA GLU B 180 -17.64 -17.96 -21.85
C GLU B 180 -16.10 -17.78 -21.97
N ALA B 181 -15.63 -16.56 -22.30
CA ALA B 181 -14.21 -16.29 -22.41
C ALA B 181 -13.53 -16.42 -21.08
N LEU B 182 -14.17 -15.86 -20.05
CA LEU B 182 -13.66 -15.96 -18.70
C LEU B 182 -13.59 -17.40 -18.16
N LEU B 183 -14.68 -18.14 -18.30
CA LEU B 183 -14.75 -19.50 -17.82
C LEU B 183 -13.66 -20.36 -18.49
N HIS B 184 -13.55 -20.29 -19.81
CA HIS B 184 -12.51 -21.04 -20.50
C HIS B 184 -11.05 -20.71 -20.04
N ALA B 185 -10.82 -19.44 -19.78
CA ALA B 185 -9.55 -18.98 -19.33
C ALA B 185 -9.27 -19.53 -17.94
N LEU B 186 -10.29 -19.54 -17.10
CA LEU B 186 -10.11 -20.00 -15.72
C LEU B 186 -9.97 -21.52 -15.67
N LEU B 187 -10.73 -22.21 -16.50
CA LEU B 187 -10.58 -23.67 -16.58
C LEU B 187 -9.16 -24.02 -16.94
N ALA B 188 -8.60 -23.34 -17.94
CA ALA B 188 -7.19 -23.58 -18.32
C ALA B 188 -6.21 -23.24 -17.17
N ALA B 189 -6.38 -22.07 -16.56
CA ALA B 189 -5.59 -21.69 -15.41
C ALA B 189 -5.60 -22.79 -14.32
N TYR B 190 -6.78 -23.32 -13.99
CA TYR B 190 -6.89 -24.21 -12.87
C TYR B 190 -6.52 -25.63 -13.20
N ARG B 191 -6.42 -25.97 -14.49
CA ARG B 191 -5.98 -27.33 -14.90
C ARG B 191 -4.47 -27.41 -15.10
N TYR B 192 -3.80 -26.27 -15.20
CA TYR B 192 -2.37 -26.25 -15.35
C TYR B 192 -1.68 -26.86 -14.13
N ASP B 193 -0.81 -27.82 -14.40
CA ASP B 193 -0.15 -28.61 -13.32
C ASP B 193 1.37 -28.43 -13.46
N LEU B 194 1.90 -27.44 -12.75
CA LEU B 194 3.31 -27.13 -12.89
C LEU B 194 4.15 -28.31 -12.33
N LYS B 195 3.79 -28.79 -11.14
CA LYS B 195 4.60 -29.78 -10.44
C LYS B 195 4.88 -31.06 -11.28
N ALA B 196 3.87 -31.53 -12.00
CA ALA B 196 4.00 -32.73 -12.86
C ALA B 196 4.98 -32.59 -14.01
N LYS B 197 5.29 -31.38 -14.44
CA LYS B 197 6.32 -31.17 -15.45
C LYS B 197 7.75 -31.48 -15.04
N ASN B 198 8.08 -31.42 -13.75
CA ASN B 198 9.47 -31.65 -13.28
C ASN B 198 10.42 -30.75 -14.07
N ALA B 199 10.02 -29.51 -14.26
CA ALA B 199 10.67 -28.65 -15.22
C ALA B 199 11.95 -27.96 -14.70
N ARG B 200 12.77 -27.51 -15.64
CA ARG B 200 14.10 -27.02 -15.37
C ARG B 200 14.35 -25.93 -16.41
N VAL B 201 14.33 -24.66 -16.01
CA VAL B 201 14.46 -23.57 -16.99
C VAL B 201 15.66 -22.66 -16.75
N ASP B 202 16.22 -22.18 -17.86
CA ASP B 202 17.42 -21.32 -17.82
C ASP B 202 17.10 -19.88 -17.37
N ALA B 203 15.81 -19.54 -17.37
CA ALA B 203 15.33 -18.23 -16.95
C ALA B 203 15.55 -17.94 -15.49
N ARG B 204 15.95 -16.71 -15.22
CA ARG B 204 15.99 -16.23 -13.87
C ARG B 204 14.57 -15.82 -13.52
N VAL B 205 14.13 -16.18 -12.32
CA VAL B 205 12.74 -16.05 -11.90
C VAL B 205 12.58 -15.06 -10.75
N SER B 206 11.84 -13.99 -11.04
CA SER B 206 11.46 -13.00 -10.04
C SER B 206 9.99 -13.20 -9.72
N VAL B 207 9.64 -13.20 -8.46
CA VAL B 207 8.29 -13.47 -8.04
C VAL B 207 7.80 -12.24 -7.36
N LEU B 208 6.64 -11.78 -7.85
CA LEU B 208 5.97 -10.60 -7.36
C LEU B 208 4.75 -11.09 -6.60
N ILE B 209 4.70 -10.70 -5.34
CA ILE B 209 3.69 -11.20 -4.40
C ILE B 209 3.16 -10.05 -3.57
N GLY B 210 1.83 -9.91 -3.57
CA GLY B 210 1.20 -9.05 -2.58
C GLY B 210 1.20 -9.69 -1.19
N GLY B 211 1.72 -8.98 -0.21
CA GLY B 211 1.71 -9.42 1.20
C GLY B 211 0.38 -9.90 1.72
N ASN B 212 -0.75 -9.45 1.20
CA ASN B 212 -2.02 -9.91 1.74
C ASN B 212 -2.53 -11.19 1.05
N GLU B 213 -1.98 -11.56 -0.10
CA GLU B 213 -2.51 -12.72 -0.86
C GLU B 213 -2.26 -13.97 -0.02
N ILE B 214 -3.30 -14.54 0.59
CA ILE B 214 -3.17 -15.79 1.31
C ILE B 214 -2.89 -16.84 0.23
N TYR B 215 -3.85 -16.98 -0.70
CA TYR B 215 -3.77 -17.97 -1.79
C TYR B 215 -2.73 -17.55 -2.84
N GLY B 216 -1.84 -18.48 -3.20
CA GLY B 216 -0.72 -18.11 -4.05
C GLY B 216 0.61 -18.01 -3.31
N ALA B 217 0.62 -17.52 -2.06
CA ALA B 217 1.86 -17.51 -1.26
C ALA B 217 2.54 -18.90 -1.24
N GLN B 218 1.71 -19.94 -1.34
CA GLN B 218 2.12 -21.35 -1.22
C GLN B 218 3.06 -21.89 -2.32
N PHE B 219 3.17 -21.23 -3.48
CA PHE B 219 3.93 -21.80 -4.62
C PHE B 219 5.39 -21.41 -4.72
N THR B 220 5.92 -20.72 -3.74
CA THR B 220 7.26 -20.21 -3.91
C THR B 220 8.33 -21.34 -3.87
N PRO B 221 8.14 -22.41 -3.06
CA PRO B 221 9.04 -23.57 -3.09
C PRO B 221 9.01 -24.31 -4.42
N LEU B 222 7.85 -24.48 -5.00
CA LEU B 222 7.76 -24.99 -6.36
C LEU B 222 8.58 -24.17 -7.36
N LEU B 223 8.58 -22.84 -7.26
CA LEU B 223 9.23 -22.02 -8.29
C LEU B 223 10.72 -22.03 -8.15
N ALA B 224 11.19 -22.33 -6.94
CA ALA B 224 12.62 -22.47 -6.72
C ALA B 224 13.14 -23.76 -7.38
N GLU B 225 12.41 -24.87 -7.18
CA GLU B 225 12.65 -26.12 -7.93
C GLU B 225 12.96 -25.94 -9.41
N ILE B 226 12.24 -25.04 -10.06
CA ILE B 226 12.32 -24.95 -11.51
C ILE B 226 13.53 -24.20 -12.09
N SER B 227 13.92 -23.08 -11.49
CA SER B 227 14.95 -22.25 -12.11
C SER B 227 16.32 -22.74 -11.74
N ARG B 228 17.23 -22.68 -12.71
CA ARG B 228 18.66 -22.94 -12.52
C ARG B 228 19.40 -21.69 -12.07
N HIS B 229 18.67 -20.67 -11.60
CA HIS B 229 19.28 -19.58 -10.80
C HIS B 229 18.42 -19.40 -9.55
N PRO B 230 18.98 -18.75 -8.54
CA PRO B 230 18.17 -18.46 -7.35
C PRO B 230 16.94 -17.58 -7.65
N LEU B 231 16.00 -17.64 -6.72
CA LEU B 231 14.68 -17.07 -6.86
C LEU B 231 14.74 -15.74 -6.15
N ASP B 232 14.41 -14.70 -6.89
CA ASP B 232 14.28 -13.38 -6.32
C ASP B 232 12.79 -13.15 -6.04
N ILE B 233 12.49 -12.83 -4.79
CA ILE B 233 11.13 -12.61 -4.38
C ILE B 233 11.00 -11.11 -4.15
N TYR B 234 10.00 -10.49 -4.78
CA TYR B 234 9.61 -9.12 -4.50
C TYR B 234 8.25 -9.07 -3.83
N GLU B 235 8.30 -8.84 -2.53
CA GLU B 235 7.14 -8.83 -1.63
C GLU B 235 6.68 -7.39 -1.52
N PHE B 236 5.38 -7.16 -1.68
CA PHE B 236 4.77 -5.85 -1.52
C PHE B 236 3.78 -5.93 -0.36
N PRO B 237 4.20 -5.48 0.84
CA PRO B 237 3.35 -5.72 2.01
C PRO B 237 2.02 -5.03 1.90
N ASN B 238 1.00 -5.63 2.50
CA ASN B 238 -0.39 -5.16 2.50
C ASN B 238 -1.01 -4.82 1.12
N ARG B 239 -0.65 -5.59 0.11
CA ARG B 239 -1.23 -5.51 -1.20
C ARG B 239 -1.89 -6.82 -1.53
N GLY B 240 -3.03 -6.75 -2.23
CA GLY B 240 -3.71 -7.95 -2.65
C GLY B 240 -3.30 -8.28 -4.06
N HIS B 241 -4.03 -9.21 -4.63
CA HIS B 241 -3.83 -9.71 -5.98
C HIS B 241 -3.99 -8.68 -7.08
N ALA B 242 -2.93 -8.56 -7.91
CA ALA B 242 -2.87 -7.59 -8.99
C ALA B 242 -3.01 -6.14 -8.54
N GLU B 243 -2.78 -5.85 -7.25
CA GLU B 243 -2.96 -4.51 -6.77
C GLU B 243 -1.77 -3.61 -7.19
N VAL B 244 -0.55 -4.11 -7.18
CA VAL B 244 0.56 -3.31 -7.69
C VAL B 244 0.28 -2.92 -9.13
N LEU B 245 -0.11 -3.90 -9.91
CA LEU B 245 -0.37 -3.66 -11.32
C LEU B 245 -1.50 -2.67 -11.53
N SER B 246 -2.53 -2.76 -10.70
CA SER B 246 -3.71 -1.90 -10.89
C SER B 246 -3.35 -0.49 -10.42
N LYS B 247 -2.71 -0.40 -9.26
CA LYS B 247 -2.51 0.87 -8.59
C LYS B 247 -1.10 1.46 -8.58
N GLU B 248 -0.09 0.64 -8.74
CA GLU B 248 1.24 1.12 -8.74
C GLU B 248 2.05 0.55 -9.91
N PRO B 249 1.53 0.63 -11.13
CA PRO B 249 2.20 -0.13 -12.22
C PRO B 249 3.62 0.36 -12.51
N GLU B 250 3.88 1.61 -12.19
CA GLU B 250 5.22 2.17 -12.30
C GLU B 250 6.21 1.34 -11.54
N LYS B 251 5.79 0.64 -10.50
CA LYS B 251 6.74 -0.27 -9.81
C LYS B 251 7.17 -1.47 -10.65
N ILE B 252 6.25 -1.94 -11.51
CA ILE B 252 6.57 -3.06 -12.42
C ILE B 252 7.62 -2.64 -13.47
N SER B 253 7.39 -1.47 -14.09
CA SER B 253 8.32 -0.97 -15.11
C SER B 253 9.63 -0.71 -14.49
N ARG B 254 9.63 -0.11 -13.30
CA ARG B 254 10.91 0.14 -12.62
C ARG B 254 11.65 -1.17 -12.33
N LEU B 255 10.89 -2.14 -11.85
CA LEU B 255 11.45 -3.44 -11.56
C LEU B 255 12.03 -4.08 -12.81
N ILE B 256 11.32 -3.94 -13.94
CA ILE B 256 11.81 -4.48 -15.21
C ILE B 256 13.13 -3.84 -15.71
N ARG B 257 13.23 -2.53 -15.62
CA ARG B 257 14.47 -1.82 -15.94
C ARG B 257 15.62 -2.20 -15.01
N GLU B 258 15.32 -2.28 -13.72
CA GLU B 258 16.30 -2.69 -12.72
C GLU B 258 16.82 -4.08 -13.06
N ILE B 259 15.91 -5.02 -13.30
CA ILE B 259 16.33 -6.38 -13.58
C ILE B 259 17.13 -6.44 -14.86
N LEU B 260 16.73 -5.69 -15.88
CA LEU B 260 17.46 -5.69 -17.14
C LEU B 260 18.68 -4.72 -17.16
N ASN B 261 19.04 -4.10 -16.04
CA ASN B 261 20.27 -3.31 -15.97
C ASN B 261 21.09 -3.66 -14.74
O1 PG4 C . 12.14 12.33 0.15
C1 PG4 C . 12.82 13.23 -0.74
C2 PG4 C . 14.35 13.13 -0.62
O2 PG4 C . 14.96 13.60 -1.83
C3 PG4 C . 16.37 13.82 -1.75
C4 PG4 C . 16.97 13.98 -3.16
O3 PG4 C . 18.37 14.27 -3.03
C TRS D . 21.72 11.62 0.78
C1 TRS D . 21.11 10.27 1.14
C2 TRS D . 20.72 12.45 -0.01
C3 TRS D . 23.00 11.42 -0.01
N TRS D . 22.05 12.34 2.04
O1 TRS D . 21.22 9.39 0.02
O2 TRS D . 20.31 11.74 -1.17
O3 TRS D . 23.74 10.33 0.54
#